data_7NYB
#
_entry.id   7NYB
#
_cell.length_a   178.190
_cell.length_b   178.190
_cell.length_c   37.010
_cell.angle_alpha   90.000
_cell.angle_beta   90.000
_cell.angle_gamma   120.000
#
_symmetry.space_group_name_H-M   'H 3'
#
loop_
_entity.id
_entity.type
_entity.pdbx_description
1 polymer 'tRNA (guanine-N(7)-)-methyltransferase'
2 non-polymer S-ADENOSYLMETHIONINE
3 water water
#
_entity_poly.entity_id   1
_entity_poly.type   'polypeptide(L)'
_entity_poly.pdbx_seq_one_letter_code
;MRMRHKPWADDFLAENADIAISNPADYKGKWNTVFGNDNPIHIEVGTGKGQFISGMAKQNPDINYIGIELFKSVIVTAVQ
KVKDSEAQNVKLLNIDADTLTDVFEPGEVKRVYLNFSDPWPKKRHEKRRLTYSHFLKKYEEVMGKGGSIHFKTDNRGLFE
YSLKSFSEYGLLLTYVSLDLHNSNLEGNIMTEYEEKFSALGQPIYRAEVEWRT
;
_entity_poly.pdbx_strand_id   A,B
#
loop_
_chem_comp.id
_chem_comp.type
_chem_comp.name
_chem_comp.formula
SAM non-polymer S-ADENOSYLMETHIONINE 'C15 H22 N6 O5 S'
#
# COMPACT_ATOMS: atom_id res chain seq x y z
N TRP A 8 -26.61 22.11 24.90
CA TRP A 8 -26.82 23.43 24.22
C TRP A 8 -26.50 23.30 22.73
N ALA A 9 -25.94 22.16 22.33
CA ALA A 9 -25.49 21.93 20.95
C ALA A 9 -26.67 22.05 19.97
N ASP A 10 -27.76 21.37 20.27
CA ASP A 10 -28.94 21.31 19.37
C ASP A 10 -29.38 22.74 19.01
N ASP A 11 -29.39 23.64 19.99
CA ASP A 11 -29.88 25.03 19.79
C ASP A 11 -28.88 25.81 18.95
N PHE A 12 -27.58 25.62 19.18
CA PHE A 12 -26.54 26.30 18.37
C PHE A 12 -26.70 25.86 16.91
N LEU A 13 -26.92 24.57 16.70
CA LEU A 13 -27.08 24.01 15.34
C LEU A 13 -28.33 24.62 14.68
N ALA A 14 -29.38 24.83 15.47
CA ALA A 14 -30.65 25.39 14.96
C ALA A 14 -30.43 26.83 14.47
N GLU A 15 -29.66 27.64 15.21
CA GLU A 15 -29.43 29.05 14.82
C GLU A 15 -28.51 29.11 13.59
N ASN A 16 -27.69 28.08 13.39
CA ASN A 16 -26.72 28.05 12.28
C ASN A 16 -27.09 26.92 11.31
N ALA A 17 -28.38 26.78 11.03
CA ALA A 17 -28.95 25.73 10.16
C ALA A 17 -28.54 25.96 8.69
N ASP A 18 -28.17 27.19 8.32
CA ASP A 18 -27.57 27.52 7.00
C ASP A 18 -26.30 26.68 6.75
N ILE A 19 -25.41 26.55 7.73
CA ILE A 19 -24.15 25.76 7.60
C ILE A 19 -24.42 24.30 7.97
N ALA A 20 -25.21 24.04 9.02
CA ALA A 20 -25.48 22.66 9.53
C ALA A 20 -26.90 22.21 9.15
N ILE A 21 -27.01 21.47 8.04
CA ILE A 21 -28.31 21.15 7.36
C ILE A 21 -29.02 20.09 8.19
N SER A 22 -30.23 20.40 8.67
CA SER A 22 -30.97 19.62 9.69
C SER A 22 -31.67 18.42 9.03
N ASN A 23 -31.94 18.51 7.72
CA ASN A 23 -32.70 17.49 6.95
C ASN A 23 -31.99 17.23 5.63
N PRO A 24 -30.77 16.64 5.63
CA PRO A 24 -29.98 16.48 4.40
C PRO A 24 -30.61 15.58 3.32
N ALA A 25 -31.46 14.62 3.72
CA ALA A 25 -32.20 13.70 2.80
C ALA A 25 -32.99 14.54 1.79
N ASP A 26 -33.52 15.68 2.21
CA ASP A 26 -34.40 16.53 1.35
C ASP A 26 -33.62 17.05 0.13
N TYR A 27 -32.29 17.15 0.19
CA TYR A 27 -31.50 17.75 -0.92
C TYR A 27 -30.89 16.66 -1.81
N LYS A 28 -31.25 15.39 -1.60
CA LYS A 28 -30.69 14.24 -2.39
C LYS A 28 -30.95 14.52 -3.86
N GLY A 29 -29.90 14.60 -4.66
CA GLY A 29 -29.97 14.85 -6.12
C GLY A 29 -30.04 16.34 -6.49
N LYS A 30 -30.06 17.23 -5.49
CA LYS A 30 -30.24 18.70 -5.67
C LYS A 30 -29.19 19.47 -4.85
N TRP A 31 -28.06 18.87 -4.50
CA TRP A 31 -27.02 19.53 -3.66
C TRP A 31 -26.44 20.75 -4.40
N ASN A 32 -26.46 20.73 -5.73
CA ASN A 32 -25.97 21.86 -6.56
C ASN A 32 -26.80 23.12 -6.27
N THR A 33 -28.11 22.99 -5.98
CA THR A 33 -29.02 24.12 -5.69
C THR A 33 -28.61 24.74 -4.35
N VAL A 34 -28.21 23.90 -3.39
CA VAL A 34 -27.78 24.34 -2.04
C VAL A 34 -26.52 25.22 -2.17
N PHE A 35 -25.69 24.96 -3.17
CA PHE A 35 -24.37 25.63 -3.37
C PHE A 35 -24.49 26.75 -4.42
N GLY A 36 -25.45 26.65 -5.34
CA GLY A 36 -25.64 27.68 -6.38
C GLY A 36 -24.64 27.54 -7.51
N ASN A 37 -24.13 26.33 -7.73
CA ASN A 37 -23.13 26.07 -8.81
C ASN A 37 -22.96 24.57 -9.04
N ASP A 38 -22.30 24.18 -10.14
CA ASP A 38 -22.11 22.74 -10.48
C ASP A 38 -20.68 22.31 -10.12
N ASN A 39 -19.94 23.15 -9.40
CA ASN A 39 -18.60 22.76 -8.88
C ASN A 39 -18.71 21.38 -8.24
N PRO A 40 -17.67 20.56 -8.43
CA PRO A 40 -17.64 19.22 -7.84
C PRO A 40 -17.88 19.28 -6.32
N ILE A 41 -18.62 18.32 -5.80
CA ILE A 41 -18.82 18.15 -4.35
C ILE A 41 -17.85 17.09 -3.86
N HIS A 42 -16.94 17.47 -2.96
CA HIS A 42 -16.07 16.55 -2.19
C HIS A 42 -16.61 16.47 -0.77
N ILE A 43 -16.66 15.27 -0.20
CA ILE A 43 -17.18 15.09 1.19
C ILE A 43 -16.04 14.56 2.07
N GLU A 44 -16.17 14.84 3.36
CA GLU A 44 -15.29 14.27 4.40
C GLU A 44 -16.18 13.49 5.36
N VAL A 45 -15.84 12.21 5.58
CA VAL A 45 -16.50 11.35 6.59
C VAL A 45 -15.65 11.38 7.87
N GLY A 46 -16.19 12.00 8.92
CA GLY A 46 -15.50 12.12 10.21
C GLY A 46 -14.71 13.41 10.30
N THR A 47 -15.40 14.53 10.09
CA THR A 47 -14.86 15.92 10.07
C THR A 47 -14.15 16.29 11.39
N GLY A 48 -14.70 15.88 12.53
CA GLY A 48 -14.20 16.33 13.84
C GLY A 48 -14.38 17.84 14.00
N LYS A 49 -13.34 18.52 14.46
CA LYS A 49 -13.39 19.97 14.79
C LYS A 49 -13.36 20.86 13.53
N GLY A 50 -13.05 20.30 12.35
CA GLY A 50 -13.34 20.96 11.06
C GLY A 50 -12.21 21.83 10.54
N GLN A 51 -11.01 21.76 11.14
CA GLN A 51 -9.81 22.46 10.59
C GLN A 51 -9.57 22.08 9.12
N PHE A 52 -9.61 20.79 8.79
CA PHE A 52 -9.24 20.33 7.43
C PHE A 52 -10.21 20.92 6.40
N ILE A 53 -11.50 20.89 6.70
CA ILE A 53 -12.52 21.16 5.66
C ILE A 53 -12.60 22.68 5.43
N SER A 54 -12.36 23.45 6.50
CA SER A 54 -12.27 24.94 6.48
C SER A 54 -11.08 25.38 5.63
N GLY A 55 -9.91 24.78 5.87
CA GLY A 55 -8.69 25.05 5.09
C GLY A 55 -8.92 24.72 3.64
N MET A 56 -9.50 23.55 3.37
CA MET A 56 -9.67 23.06 1.97
C MET A 56 -10.67 23.99 1.26
N ALA A 57 -11.74 24.35 1.95
CA ALA A 57 -12.77 25.28 1.44
C ALA A 57 -12.12 26.57 0.98
N LYS A 58 -11.35 27.17 1.87
CA LYS A 58 -10.63 28.45 1.68
C LYS A 58 -9.60 28.33 0.55
N GLN A 59 -8.85 27.22 0.48
CA GLN A 59 -7.83 26.93 -0.57
C GLN A 59 -8.50 26.70 -1.93
N ASN A 60 -9.64 26.01 -1.96
CA ASN A 60 -10.30 25.57 -3.22
C ASN A 60 -11.72 26.12 -3.28
N PRO A 61 -11.90 27.41 -3.66
CA PRO A 61 -13.24 28.03 -3.75
C PRO A 61 -14.09 27.46 -4.90
N ASP A 62 -13.48 26.66 -5.76
CA ASP A 62 -14.14 26.07 -6.95
C ASP A 62 -14.54 24.63 -6.62
N ILE A 63 -14.33 24.18 -5.39
CA ILE A 63 -14.85 22.87 -4.93
C ILE A 63 -15.86 23.16 -3.81
N ASN A 64 -16.96 22.40 -3.81
CA ASN A 64 -17.98 22.42 -2.74
C ASN A 64 -17.67 21.27 -1.76
N TYR A 65 -17.62 21.58 -0.47
CA TYR A 65 -17.26 20.61 0.60
C TYR A 65 -18.45 20.36 1.53
N ILE A 66 -18.71 19.09 1.82
CA ILE A 66 -19.68 18.66 2.86
C ILE A 66 -18.90 17.80 3.83
N GLY A 67 -18.82 18.24 5.09
CA GLY A 67 -18.33 17.43 6.22
C GLY A 67 -19.47 16.69 6.87
N ILE A 68 -19.26 15.43 7.24
CA ILE A 68 -20.22 14.64 8.08
C ILE A 68 -19.49 14.24 9.38
N GLU A 69 -20.24 14.38 10.48
CA GLU A 69 -19.70 14.03 11.81
C GLU A 69 -20.84 13.47 12.66
N LEU A 70 -20.63 12.32 13.27
CA LEU A 70 -21.65 11.65 14.11
C LEU A 70 -21.83 12.44 15.40
N PHE A 71 -20.74 12.82 16.04
CA PHE A 71 -20.79 13.56 17.32
C PHE A 71 -21.28 14.98 17.07
N LYS A 72 -22.27 15.44 17.82
CA LYS A 72 -22.73 16.85 17.68
C LYS A 72 -21.84 17.71 18.56
N SER A 73 -21.34 17.13 19.66
CA SER A 73 -20.37 17.81 20.57
C SER A 73 -19.28 18.52 19.76
N VAL A 74 -18.67 17.82 18.80
CA VAL A 74 -17.49 18.30 18.02
C VAL A 74 -17.96 19.03 16.74
N ILE A 75 -19.10 18.64 16.15
CA ILE A 75 -19.57 19.28 14.89
C ILE A 75 -19.90 20.75 15.20
N VAL A 76 -20.29 21.07 16.44
CA VAL A 76 -20.46 22.48 16.91
C VAL A 76 -19.15 23.24 16.65
N THR A 77 -18.00 22.70 17.09
CA THR A 77 -16.69 23.38 16.89
C THR A 77 -16.49 23.59 15.39
N ALA A 78 -16.85 22.59 14.59
CA ALA A 78 -16.68 22.61 13.11
C ALA A 78 -17.49 23.75 12.48
N VAL A 79 -18.77 23.88 12.85
CA VAL A 79 -19.66 25.00 12.42
C VAL A 79 -18.97 26.33 12.72
N GLN A 80 -18.43 26.48 13.92
CA GLN A 80 -17.79 27.76 14.33
C GLN A 80 -16.57 28.03 13.44
N LYS A 81 -15.73 27.03 13.17
CA LYS A 81 -14.55 27.23 12.28
C LYS A 81 -15.02 27.61 10.86
N VAL A 82 -16.08 26.98 10.37
CA VAL A 82 -16.67 27.32 9.04
C VAL A 82 -17.23 28.74 9.10
N LYS A 83 -17.87 29.11 10.21
CA LYS A 83 -18.41 30.48 10.38
C LYS A 83 -17.23 31.45 10.49
N ASP A 84 -16.20 31.09 11.25
CA ASP A 84 -15.04 31.99 11.52
C ASP A 84 -14.29 32.29 10.23
N SER A 85 -14.08 31.31 9.37
CA SER A 85 -13.54 31.56 8.01
C SER A 85 -14.73 31.74 7.07
N GLU A 86 -15.07 32.94 6.57
CA GLU A 86 -16.29 33.02 5.72
C GLU A 86 -16.15 32.27 4.40
N ALA A 87 -15.94 30.97 4.48
CA ALA A 87 -16.03 30.10 3.30
C ALA A 87 -17.51 29.78 3.06
N GLN A 88 -18.03 30.04 1.86
CA GLN A 88 -19.44 29.77 1.48
C GLN A 88 -19.57 28.42 0.78
N ASN A 89 -18.47 27.71 0.55
CA ASN A 89 -18.48 26.43 -0.21
C ASN A 89 -18.39 25.22 0.76
N VAL A 90 -18.94 25.32 1.97
CA VAL A 90 -18.90 24.24 2.99
C VAL A 90 -20.24 24.11 3.70
N LYS A 91 -20.77 22.90 3.79
CA LYS A 91 -21.91 22.54 4.67
C LYS A 91 -21.48 21.37 5.54
N LEU A 92 -22.19 21.14 6.64
CA LEU A 92 -21.89 20.10 7.64
C LEU A 92 -23.17 19.32 7.93
N LEU A 93 -23.06 17.99 7.94
CA LEU A 93 -24.17 17.07 8.29
C LEU A 93 -23.79 16.29 9.54
N ASN A 94 -24.71 16.25 10.51
CA ASN A 94 -24.65 15.42 11.74
C ASN A 94 -25.33 14.06 11.46
N ILE A 95 -24.66 13.17 10.72
CA ILE A 95 -25.21 11.87 10.26
C ILE A 95 -24.06 10.84 10.25
N ASP A 96 -24.37 9.53 10.28
CA ASP A 96 -23.33 8.47 10.16
C ASP A 96 -23.15 8.15 8.68
N ALA A 97 -22.09 7.43 8.35
CA ALA A 97 -21.65 7.06 6.98
C ALA A 97 -22.68 6.16 6.31
N ASP A 98 -23.47 5.40 7.07
CA ASP A 98 -24.51 4.46 6.55
C ASP A 98 -25.62 5.25 5.85
N THR A 99 -25.84 6.50 6.25
CA THR A 99 -26.97 7.33 5.79
C THR A 99 -26.60 8.04 4.49
N LEU A 100 -25.35 7.92 4.05
CA LEU A 100 -24.82 8.67 2.87
C LEU A 100 -25.71 8.41 1.64
N THR A 101 -26.19 7.18 1.46
CA THR A 101 -27.01 6.79 0.29
C THR A 101 -28.40 7.45 0.37
N ASP A 102 -28.88 7.73 1.58
CA ASP A 102 -30.17 8.42 1.79
C ASP A 102 -30.03 9.88 1.34
N VAL A 103 -28.79 10.41 1.32
CA VAL A 103 -28.49 11.87 1.19
C VAL A 103 -28.00 12.19 -0.23
N PHE A 104 -27.30 11.28 -0.91
CA PHE A 104 -26.65 11.57 -2.22
C PHE A 104 -27.10 10.54 -3.25
N GLU A 105 -27.31 10.97 -4.49
CA GLU A 105 -27.55 10.10 -5.67
C GLU A 105 -26.21 9.73 -6.26
N PRO A 106 -26.08 8.55 -6.93
CA PRO A 106 -24.82 8.14 -7.53
C PRO A 106 -24.22 9.19 -8.47
N GLY A 107 -22.97 9.56 -8.22
CA GLY A 107 -22.21 10.54 -9.00
C GLY A 107 -22.30 11.94 -8.44
N GLU A 108 -23.17 12.17 -7.45
CA GLU A 108 -23.36 13.52 -6.88
C GLU A 108 -22.07 13.93 -6.14
N VAL A 109 -21.44 12.97 -5.46
CA VAL A 109 -20.13 13.10 -4.74
C VAL A 109 -19.03 12.70 -5.71
N LYS A 110 -17.96 13.50 -5.81
CA LYS A 110 -16.80 13.30 -6.74
C LYS A 110 -15.59 12.73 -6.04
N ARG A 111 -15.58 12.78 -4.71
CA ARG A 111 -14.38 12.50 -3.87
C ARG A 111 -14.83 12.34 -2.42
N VAL A 112 -14.15 11.43 -1.76
CA VAL A 112 -14.35 11.12 -0.32
C VAL A 112 -12.99 11.31 0.37
N TYR A 113 -12.95 12.16 1.38
CA TYR A 113 -11.76 12.35 2.26
C TYR A 113 -11.98 11.53 3.55
N LEU A 114 -10.96 10.80 3.97
CA LEU A 114 -10.93 10.13 5.30
C LEU A 114 -9.67 10.58 6.03
N ASN A 115 -9.84 11.08 7.25
CA ASN A 115 -8.75 11.78 7.96
C ASN A 115 -8.72 11.27 9.39
N PHE A 116 -7.71 10.46 9.67
CA PHE A 116 -7.38 9.95 11.03
C PHE A 116 -8.61 9.25 11.64
N SER A 117 -9.27 8.41 10.85
CA SER A 117 -10.51 7.66 11.24
C SER A 117 -10.21 6.76 12.43
N ASP A 118 -11.24 6.42 13.21
CA ASP A 118 -11.16 5.53 14.40
C ASP A 118 -10.54 4.21 13.94
N PRO A 119 -9.36 3.80 14.48
CA PRO A 119 -8.67 2.57 14.07
C PRO A 119 -9.33 1.23 14.42
N TRP A 120 -10.11 1.16 15.51
CA TRP A 120 -10.80 -0.08 15.95
C TRP A 120 -9.87 -1.30 15.74
N PRO A 121 -8.73 -1.35 16.49
CA PRO A 121 -7.65 -2.30 16.22
C PRO A 121 -7.97 -3.80 16.38
N LYS A 122 -8.87 -4.14 17.29
CA LYS A 122 -9.30 -5.54 17.58
C LYS A 122 -10.11 -6.10 16.42
N LYS A 123 -9.94 -7.40 16.14
CA LYS A 123 -10.49 -8.11 14.96
C LYS A 123 -12.00 -8.04 14.93
N ARG A 124 -12.64 -8.12 16.10
CA ARG A 124 -14.13 -8.19 16.21
C ARG A 124 -14.76 -6.85 15.81
N HIS A 125 -13.98 -5.76 15.81
CA HIS A 125 -14.43 -4.38 15.51
C HIS A 125 -14.08 -3.96 14.09
N GLU A 126 -13.62 -4.89 13.25
CA GLU A 126 -13.25 -4.60 11.83
C GLU A 126 -14.37 -3.79 11.14
N LYS A 127 -15.64 -4.12 11.38
CA LYS A 127 -16.78 -3.57 10.60
C LYS A 127 -17.07 -2.11 10.97
N ARG A 128 -16.51 -1.61 12.07
CA ARG A 128 -16.67 -0.18 12.47
C ARG A 128 -15.66 0.70 11.73
N ARG A 129 -14.62 0.10 11.12
CA ARG A 129 -13.54 0.84 10.41
C ARG A 129 -14.10 1.43 9.12
N LEU A 130 -13.82 2.71 8.88
CA LEU A 130 -14.43 3.49 7.78
C LEU A 130 -13.83 3.07 6.43
N THR A 131 -12.81 2.20 6.42
CA THR A 131 -12.17 1.64 5.19
C THR A 131 -12.59 0.17 4.98
N TYR A 132 -13.48 -0.36 5.81
CA TYR A 132 -14.03 -1.74 5.68
C TYR A 132 -15.00 -1.77 4.49
N SER A 133 -15.13 -2.94 3.84
CA SER A 133 -15.75 -3.12 2.50
C SER A 133 -17.17 -2.54 2.45
N HIS A 134 -17.93 -2.66 3.52
CA HIS A 134 -19.31 -2.11 3.63
C HIS A 134 -19.33 -0.58 3.38
N PHE A 135 -18.43 0.17 4.01
CA PHE A 135 -18.29 1.63 3.82
C PHE A 135 -17.78 1.91 2.41
N LEU A 136 -16.84 1.10 1.91
CA LEU A 136 -16.29 1.19 0.52
C LEU A 136 -17.45 1.05 -0.48
N LYS A 137 -18.38 0.14 -0.20
CA LYS A 137 -19.59 -0.04 -1.02
C LYS A 137 -20.43 1.25 -0.97
N LYS A 138 -20.64 1.81 0.22
CA LYS A 138 -21.35 3.12 0.41
C LYS A 138 -20.69 4.24 -0.42
N TYR A 139 -19.36 4.34 -0.45
CA TYR A 139 -18.68 5.45 -1.17
C TYR A 139 -18.93 5.27 -2.67
N GLU A 140 -18.93 4.01 -3.12
CA GLU A 140 -19.16 3.62 -4.53
C GLU A 140 -20.56 4.05 -4.96
N GLU A 141 -21.55 3.75 -4.11
CA GLU A 141 -22.96 4.09 -4.34
C GLU A 141 -23.09 5.60 -4.61
N VAL A 142 -22.39 6.47 -3.86
CA VAL A 142 -22.59 7.95 -3.93
C VAL A 142 -21.65 8.57 -4.97
N MET A 143 -20.58 7.88 -5.39
CA MET A 143 -19.61 8.41 -6.39
C MET A 143 -19.79 7.72 -7.74
N GLY A 144 -20.58 6.64 -7.80
CA GLY A 144 -20.51 5.69 -8.93
C GLY A 144 -19.12 5.07 -8.96
N LYS A 145 -18.41 5.11 -10.09
CA LYS A 145 -17.08 4.47 -10.27
C LYS A 145 -16.11 5.46 -10.92
N GLY A 146 -16.40 6.76 -10.85
CA GLY A 146 -15.45 7.81 -11.24
C GLY A 146 -14.99 8.61 -10.02
N GLY A 147 -15.13 8.04 -8.84
CA GLY A 147 -14.74 8.69 -7.59
C GLY A 147 -13.30 8.38 -7.23
N SER A 148 -12.80 8.97 -6.15
CA SER A 148 -11.54 8.58 -5.47
C SER A 148 -11.72 8.73 -3.96
N ILE A 149 -10.88 8.06 -3.19
CA ILE A 149 -10.80 8.19 -1.70
C ILE A 149 -9.41 8.70 -1.35
N HIS A 150 -9.36 9.87 -0.69
CA HIS A 150 -8.15 10.53 -0.16
C HIS A 150 -8.07 10.26 1.34
N PHE A 151 -7.03 9.57 1.78
CA PHE A 151 -6.94 9.01 3.15
C PHE A 151 -5.60 9.36 3.81
N LYS A 152 -5.66 10.05 4.95
CA LYS A 152 -4.48 10.29 5.82
C LYS A 152 -4.73 9.74 7.22
N THR A 153 -3.70 9.16 7.81
CA THR A 153 -3.71 8.69 9.23
C THR A 153 -2.27 8.52 9.72
N ASP A 154 -2.09 8.58 11.03
CA ASP A 154 -0.79 8.31 11.72
C ASP A 154 -0.76 6.85 12.20
N ASN A 155 -1.90 6.16 12.16
CA ASN A 155 -2.06 4.80 12.74
C ASN A 155 -1.56 3.77 11.73
N ARG A 156 -0.39 3.19 11.99
CA ARG A 156 0.19 2.14 11.12
C ARG A 156 -0.76 0.95 10.94
N GLY A 157 -1.37 0.45 12.02
CA GLY A 157 -2.30 -0.68 11.98
C GLY A 157 -3.43 -0.43 10.99
N LEU A 158 -4.04 0.74 11.08
CA LEU A 158 -5.25 1.11 10.30
C LEU A 158 -4.86 1.25 8.83
N PHE A 159 -3.70 1.85 8.56
CA PHE A 159 -3.23 2.09 7.17
C PHE A 159 -2.94 0.74 6.54
N GLU A 160 -2.18 -0.09 7.24
CA GLU A 160 -1.88 -1.49 6.82
C GLU A 160 -3.20 -2.21 6.49
N TYR A 161 -4.17 -2.15 7.40
CA TYR A 161 -5.46 -2.83 7.20
C TYR A 161 -6.15 -2.25 5.96
N SER A 162 -6.09 -0.92 5.83
CA SER A 162 -6.83 -0.17 4.79
C SER A 162 -6.28 -0.57 3.42
N LEU A 163 -4.96 -0.55 3.26
CA LEU A 163 -4.31 -0.97 2.00
C LEU A 163 -4.87 -2.34 1.59
N LYS A 164 -4.89 -3.31 2.51
CA LYS A 164 -5.40 -4.69 2.25
C LYS A 164 -6.89 -4.65 1.89
N SER A 165 -7.69 -3.84 2.59
CA SER A 165 -9.13 -3.66 2.32
C SER A 165 -9.35 -3.09 0.91
N PHE A 166 -8.70 -1.98 0.58
CA PHE A 166 -8.77 -1.36 -0.77
C PHE A 166 -8.46 -2.47 -1.79
N SER A 167 -7.35 -3.20 -1.60
CA SER A 167 -6.88 -4.22 -2.56
C SER A 167 -7.95 -5.30 -2.73
N GLU A 168 -8.43 -5.83 -1.60
CA GLU A 168 -9.46 -6.89 -1.54
C GLU A 168 -10.71 -6.45 -2.31
N TYR A 169 -11.11 -5.18 -2.22
CA TYR A 169 -12.33 -4.64 -2.90
C TYR A 169 -12.09 -4.39 -4.39
N GLY A 170 -10.84 -4.30 -4.84
CA GLY A 170 -10.46 -4.18 -6.27
C GLY A 170 -10.15 -2.76 -6.69
N LEU A 171 -10.02 -1.84 -5.73
CA LEU A 171 -9.65 -0.43 -5.96
C LEU A 171 -8.20 -0.31 -6.43
N LEU A 172 -7.89 0.77 -7.16
CA LEU A 172 -6.58 1.09 -7.74
C LEU A 172 -5.90 2.18 -6.90
N LEU A 173 -4.70 1.88 -6.41
CA LEU A 173 -3.86 2.80 -5.61
C LEU A 173 -3.06 3.65 -6.58
N THR A 174 -3.29 4.97 -6.61
CA THR A 174 -2.66 5.90 -7.59
C THR A 174 -1.71 6.88 -6.89
N TYR A 175 -1.84 7.05 -5.58
CA TYR A 175 -0.87 7.82 -4.76
C TYR A 175 -0.70 7.11 -3.41
N VAL A 176 0.53 7.01 -2.93
CA VAL A 176 0.78 6.53 -1.54
C VAL A 176 2.03 7.22 -1.00
N SER A 177 1.91 7.83 0.17
CA SER A 177 3.05 8.37 0.94
C SER A 177 3.15 7.61 2.26
N LEU A 178 4.35 7.18 2.63
CA LEU A 178 4.58 6.58 3.98
C LEU A 178 5.22 7.61 4.92
N ASP A 179 5.55 8.82 4.42
CA ASP A 179 6.05 9.95 5.25
C ASP A 179 5.62 11.26 4.58
N LEU A 180 4.37 11.66 4.79
CA LEU A 180 3.72 12.78 4.07
C LEU A 180 4.48 14.08 4.28
N HIS A 181 4.98 14.31 5.49
CA HIS A 181 5.56 15.61 5.86
C HIS A 181 6.95 15.74 5.21
N ASN A 182 7.59 14.62 4.86
CA ASN A 182 8.88 14.63 4.11
C ASN A 182 8.62 14.38 2.61
N SER A 183 7.35 14.41 2.20
CA SER A 183 6.94 14.32 0.79
C SER A 183 6.48 15.69 0.34
N ASN A 184 6.78 15.99 -0.93
CA ASN A 184 6.51 17.29 -1.59
C ASN A 184 5.01 17.48 -1.79
N LEU A 185 4.24 17.75 -0.73
CA LEU A 185 2.77 17.88 -0.99
C LEU A 185 2.38 19.35 -1.18
N GLU A 186 1.76 19.66 -2.31
CA GLU A 186 1.41 21.05 -2.68
C GLU A 186 0.02 21.30 -2.12
N GLY A 187 -0.04 22.22 -1.18
CA GLY A 187 -1.31 22.62 -0.55
C GLY A 187 -1.92 21.53 0.32
N ASN A 188 -1.12 20.67 0.95
CA ASN A 188 -1.67 19.76 1.97
C ASN A 188 -2.25 20.59 3.10
N ILE A 189 -3.52 20.40 3.44
CA ILE A 189 -4.17 21.05 4.61
C ILE A 189 -4.07 20.05 5.77
N MET A 190 -3.35 20.41 6.83
CA MET A 190 -3.23 19.57 8.04
C MET A 190 -4.58 19.56 8.75
N THR A 191 -5.00 18.38 9.23
CA THR A 191 -6.16 18.21 10.15
C THR A 191 -5.70 18.58 11.57
N GLU A 192 -6.65 18.71 12.48
CA GLU A 192 -6.39 18.98 13.90
C GLU A 192 -5.42 17.93 14.46
N TYR A 193 -5.74 16.64 14.24
CA TYR A 193 -4.94 15.49 14.70
C TYR A 193 -3.58 15.52 14.00
N GLU A 194 -3.52 15.85 12.71
CA GLU A 194 -2.26 15.84 11.93
C GLU A 194 -1.26 16.83 12.51
N GLU A 195 -1.70 18.01 12.92
CA GLU A 195 -0.75 19.06 13.38
C GLU A 195 -0.04 18.61 14.66
N LYS A 196 -0.71 17.89 15.54
CA LYS A 196 -0.08 17.35 16.78
C LYS A 196 0.99 16.35 16.40
N PHE A 197 0.69 15.44 15.48
CA PHE A 197 1.60 14.33 15.11
C PHE A 197 2.74 14.84 14.23
N SER A 198 2.60 16.02 13.60
CA SER A 198 3.65 16.54 12.68
C SER A 198 4.93 16.75 13.49
N ALA A 199 4.83 17.36 14.69
CA ALA A 199 5.98 17.65 15.57
C ALA A 199 6.61 16.35 16.11
N LEU A 200 5.82 15.30 16.39
CA LEU A 200 6.36 13.96 16.75
C LEU A 200 7.10 13.44 15.53
N GLY A 201 8.21 12.71 15.53
CA GLY A 201 8.77 12.26 14.24
C GLY A 201 7.89 11.23 13.55
N GLN A 202 6.82 10.78 14.20
CA GLN A 202 5.87 9.77 13.72
C GLN A 202 5.46 10.08 12.29
N PRO A 203 5.59 9.12 11.35
CA PRO A 203 5.18 9.33 9.95
C PRO A 203 3.66 9.46 9.74
N ILE A 204 3.26 10.29 8.78
CA ILE A 204 1.83 10.38 8.38
C ILE A 204 1.65 9.61 7.07
N TYR A 205 0.68 8.71 7.03
CA TYR A 205 0.42 7.84 5.87
C TYR A 205 -0.72 8.42 5.05
N ARG A 206 -0.55 8.47 3.74
CA ARG A 206 -1.57 9.01 2.82
C ARG A 206 -1.69 8.05 1.64
N ALA A 207 -2.92 7.73 1.23
CA ALA A 207 -3.22 6.96 0.00
C ALA A 207 -4.29 7.69 -0.81
N GLU A 208 -4.21 7.58 -2.13
CA GLU A 208 -5.33 7.90 -3.04
C GLU A 208 -5.66 6.61 -3.79
N VAL A 209 -6.94 6.29 -3.81
CA VAL A 209 -7.50 5.00 -4.30
C VAL A 209 -8.70 5.32 -5.20
N GLU A 210 -8.78 4.74 -6.41
CA GLU A 210 -9.90 5.03 -7.34
C GLU A 210 -10.46 3.72 -7.90
N TRP A 211 -11.68 3.76 -8.43
CA TRP A 211 -12.41 2.58 -9.00
C TRP A 211 -11.83 2.22 -10.35
N ARG A 212 -11.65 0.92 -10.63
CA ARG A 212 -11.10 0.44 -11.93
C ARG A 212 -12.17 0.64 -13.01
N THR A 213 -11.78 1.27 -14.10
CA THR A 213 -12.58 1.39 -15.35
C THR A 213 -11.75 0.71 -16.44
N ASP B 10 34.57 -15.54 -12.59
CA ASP B 10 35.18 -16.41 -13.59
C ASP B 10 35.47 -17.82 -13.07
N ASP B 11 36.63 -18.11 -12.43
CA ASP B 11 37.13 -19.51 -12.33
C ASP B 11 37.00 -20.11 -10.92
N PHE B 12 36.52 -19.38 -9.92
CA PHE B 12 36.14 -19.98 -8.62
C PHE B 12 34.68 -20.45 -8.73
N LEU B 13 33.92 -19.86 -9.66
CA LEU B 13 32.54 -20.31 -10.01
C LEU B 13 32.58 -21.69 -10.66
N ALA B 14 33.43 -21.88 -11.67
CA ALA B 14 33.67 -23.14 -12.40
C ALA B 14 34.00 -24.25 -11.39
N GLU B 15 34.86 -23.96 -10.42
CA GLU B 15 35.31 -24.91 -9.36
C GLU B 15 34.12 -25.31 -8.49
N ASN B 16 33.20 -24.38 -8.22
CA ASN B 16 32.00 -24.65 -7.37
C ASN B 16 30.76 -24.69 -8.26
N ALA B 17 30.83 -25.39 -9.41
CA ALA B 17 29.76 -25.45 -10.43
C ALA B 17 28.57 -26.25 -9.91
N ASP B 18 28.74 -26.99 -8.80
CA ASP B 18 27.64 -27.72 -8.11
C ASP B 18 26.63 -26.70 -7.54
N ILE B 19 27.11 -25.64 -6.87
CA ILE B 19 26.22 -24.60 -6.27
C ILE B 19 25.85 -23.56 -7.35
N ALA B 20 26.80 -23.12 -8.19
CA ALA B 20 26.59 -22.06 -9.21
C ALA B 20 26.45 -22.68 -10.60
N ILE B 21 25.21 -22.78 -11.11
CA ILE B 21 24.86 -23.55 -12.34
C ILE B 21 25.22 -22.71 -13.56
N SER B 22 26.18 -23.18 -14.36
CA SER B 22 26.78 -22.44 -15.50
C SER B 22 25.83 -22.42 -16.71
N ASN B 23 24.84 -23.32 -16.78
CA ASN B 23 23.90 -23.46 -17.93
C ASN B 23 22.49 -23.71 -17.41
N PRO B 24 21.84 -22.71 -16.77
CA PRO B 24 20.53 -22.92 -16.16
C PRO B 24 19.37 -23.20 -17.13
N ALA B 25 19.45 -22.71 -18.37
CA ALA B 25 18.50 -23.03 -19.46
C ALA B 25 18.32 -24.54 -19.64
N ASP B 26 19.39 -25.31 -19.46
CA ASP B 26 19.37 -26.79 -19.66
C ASP B 26 18.39 -27.46 -18.69
N TYR B 27 18.14 -26.91 -17.51
CA TYR B 27 17.32 -27.56 -16.44
C TYR B 27 15.88 -27.01 -16.44
N LYS B 28 15.51 -26.24 -17.46
CA LYS B 28 14.11 -25.72 -17.61
C LYS B 28 13.12 -26.90 -17.62
N GLY B 29 12.21 -26.93 -16.64
CA GLY B 29 11.24 -28.02 -16.44
C GLY B 29 11.82 -29.24 -15.74
N LYS B 30 13.09 -29.20 -15.32
CA LYS B 30 13.74 -30.35 -14.62
C LYS B 30 14.56 -29.88 -13.41
N TRP B 31 14.17 -28.79 -12.77
CA TRP B 31 14.87 -28.28 -11.56
C TRP B 31 14.74 -29.30 -10.42
N ASN B 32 13.65 -30.06 -10.37
CA ASN B 32 13.41 -31.11 -9.33
C ASN B 32 14.54 -32.15 -9.36
N THR B 33 15.02 -32.51 -10.54
CA THR B 33 16.14 -33.48 -10.74
C THR B 33 17.42 -32.88 -10.15
N VAL B 34 17.65 -31.58 -10.35
CA VAL B 34 18.85 -30.90 -9.79
C VAL B 34 18.81 -30.98 -8.26
N PHE B 35 17.64 -30.93 -7.63
CA PHE B 35 17.51 -30.93 -6.15
C PHE B 35 17.27 -32.36 -5.62
N GLY B 36 16.74 -33.27 -6.46
CA GLY B 36 16.43 -34.67 -6.11
C GLY B 36 15.22 -34.82 -5.21
N ASN B 37 14.25 -33.90 -5.35
CA ASN B 37 12.96 -33.92 -4.61
C ASN B 37 11.99 -32.98 -5.35
N ASP B 38 10.73 -32.95 -4.92
CA ASP B 38 9.68 -32.07 -5.50
C ASP B 38 9.24 -31.04 -4.47
N ASN B 39 10.07 -30.80 -3.46
CA ASN B 39 9.93 -29.66 -2.53
C ASN B 39 9.69 -28.42 -3.37
N PRO B 40 8.80 -27.51 -2.94
CA PRO B 40 8.57 -26.27 -3.67
C PRO B 40 9.89 -25.55 -3.96
N ILE B 41 10.01 -24.95 -5.15
CA ILE B 41 11.12 -24.02 -5.50
C ILE B 41 10.69 -22.57 -5.26
N HIS B 42 11.39 -21.90 -4.34
CA HIS B 42 11.30 -20.45 -4.07
C HIS B 42 12.54 -19.79 -4.66
N ILE B 43 12.39 -18.75 -5.47
CA ILE B 43 13.56 -18.00 -6.02
C ILE B 43 13.69 -16.63 -5.35
N GLU B 44 14.91 -16.09 -5.40
CA GLU B 44 15.20 -14.69 -5.02
C GLU B 44 15.84 -14.02 -6.24
N VAL B 45 15.31 -12.87 -6.63
CA VAL B 45 15.85 -12.06 -7.77
C VAL B 45 16.65 -10.91 -7.14
N GLY B 46 17.97 -10.88 -7.38
CA GLY B 46 18.87 -9.89 -6.77
C GLY B 46 19.29 -10.34 -5.39
N THR B 47 20.00 -11.47 -5.32
CA THR B 47 20.45 -12.18 -4.09
C THR B 47 21.51 -11.37 -3.37
N GLY B 48 22.43 -10.73 -4.11
CA GLY B 48 23.58 -10.02 -3.52
C GLY B 48 24.53 -11.01 -2.86
N LYS B 49 24.99 -10.69 -1.65
CA LYS B 49 26.06 -11.45 -0.94
C LYS B 49 25.49 -12.74 -0.37
N GLY B 50 24.16 -12.89 -0.29
CA GLY B 50 23.52 -14.21 -0.13
C GLY B 50 23.22 -14.57 1.31
N GLN B 51 23.25 -13.60 2.22
CA GLN B 51 22.87 -13.85 3.64
C GLN B 51 21.44 -14.39 3.74
N PHE B 52 20.50 -13.78 3.01
CA PHE B 52 19.05 -14.12 3.12
C PHE B 52 18.83 -15.56 2.61
N ILE B 53 19.35 -15.89 1.43
CA ILE B 53 19.06 -17.22 0.80
C ILE B 53 19.66 -18.32 1.70
N SER B 54 20.82 -18.08 2.31
CA SER B 54 21.53 -19.06 3.18
C SER B 54 20.72 -19.27 4.47
N GLY B 55 20.29 -18.20 5.11
CA GLY B 55 19.47 -18.29 6.34
C GLY B 55 18.19 -19.06 6.06
N MET B 56 17.51 -18.72 4.97
CA MET B 56 16.19 -19.30 4.61
C MET B 56 16.38 -20.79 4.30
N ALA B 57 17.47 -21.11 3.61
CA ALA B 57 17.86 -22.50 3.28
C ALA B 57 17.99 -23.31 4.59
N LYS B 58 18.81 -22.85 5.53
CA LYS B 58 19.02 -23.49 6.87
C LYS B 58 17.66 -23.64 7.57
N GLN B 59 16.89 -22.56 7.61
CA GLN B 59 15.62 -22.50 8.37
C GLN B 59 14.59 -23.46 7.75
N ASN B 60 14.57 -23.57 6.42
CA ASN B 60 13.52 -24.32 5.68
C ASN B 60 14.20 -25.36 4.80
N PRO B 61 14.55 -26.54 5.37
CA PRO B 61 15.24 -27.60 4.63
C PRO B 61 14.32 -28.25 3.58
N ASP B 62 13.03 -28.03 3.72
CA ASP B 62 11.98 -28.70 2.92
C ASP B 62 11.47 -27.77 1.84
N ILE B 63 12.18 -26.66 1.63
CA ILE B 63 11.99 -25.76 0.45
C ILE B 63 13.33 -25.66 -0.31
N ASN B 64 13.25 -25.62 -1.63
CA ASN B 64 14.42 -25.48 -2.53
C ASN B 64 14.53 -24.03 -3.00
N TYR B 65 15.72 -23.45 -2.83
CA TYR B 65 16.00 -22.01 -3.07
C TYR B 65 16.92 -21.84 -4.28
N ILE B 66 16.51 -20.97 -5.20
CA ILE B 66 17.40 -20.50 -6.30
C ILE B 66 17.55 -18.97 -6.20
N GLY B 67 18.80 -18.52 -6.09
CA GLY B 67 19.18 -17.10 -6.06
C GLY B 67 19.66 -16.69 -7.44
N ILE B 68 19.19 -15.55 -7.94
CA ILE B 68 19.72 -14.97 -9.20
C ILE B 68 20.36 -13.61 -8.88
N GLU B 69 21.54 -13.37 -9.47
CA GLU B 69 22.38 -12.17 -9.25
C GLU B 69 23.09 -11.83 -10.56
N LEU B 70 22.92 -10.60 -11.05
CA LEU B 70 23.53 -10.10 -12.31
C LEU B 70 25.05 -9.94 -12.19
N PHE B 71 25.56 -9.68 -11.00
CA PHE B 71 27.01 -9.48 -10.79
C PHE B 71 27.69 -10.74 -10.29
N LYS B 72 28.72 -11.14 -11.00
CA LYS B 72 29.58 -12.27 -10.60
C LYS B 72 30.41 -11.86 -9.38
N SER B 73 30.82 -10.60 -9.32
CA SER B 73 31.69 -10.11 -8.20
C SER B 73 31.01 -10.42 -6.87
N VAL B 74 29.69 -10.26 -6.79
CA VAL B 74 28.96 -10.43 -5.50
C VAL B 74 28.41 -11.86 -5.39
N ILE B 75 28.06 -12.50 -6.51
CA ILE B 75 27.52 -13.90 -6.47
C ILE B 75 28.61 -14.81 -5.92
N VAL B 76 29.88 -14.48 -6.15
CA VAL B 76 31.05 -15.16 -5.55
C VAL B 76 30.90 -15.19 -4.03
N THR B 77 30.67 -14.04 -3.38
CA THR B 77 30.49 -13.98 -1.91
C THR B 77 29.30 -14.88 -1.52
N ALA B 78 28.25 -14.91 -2.35
CA ALA B 78 27.02 -15.70 -2.11
C ALA B 78 27.33 -17.20 -2.17
N VAL B 79 28.09 -17.70 -3.16
CA VAL B 79 28.44 -19.16 -3.18
C VAL B 79 29.22 -19.50 -1.93
N GLN B 80 30.15 -18.64 -1.51
CA GLN B 80 30.96 -18.91 -0.30
C GLN B 80 30.02 -19.08 0.90
N LYS B 81 29.04 -18.19 1.08
CA LYS B 81 28.05 -18.26 2.19
C LYS B 81 27.23 -19.57 2.11
N VAL B 82 26.86 -20.02 0.91
CA VAL B 82 26.12 -21.32 0.69
C VAL B 82 27.07 -22.47 1.01
N LYS B 83 28.35 -22.35 0.65
CA LYS B 83 29.38 -23.40 0.90
C LYS B 83 29.64 -23.45 2.42
N ASP B 84 29.60 -22.30 3.10
CA ASP B 84 29.97 -22.15 4.53
C ASP B 84 28.90 -22.81 5.40
N SER B 85 27.65 -22.35 5.38
CA SER B 85 26.48 -23.14 5.87
C SER B 85 26.26 -24.27 4.86
N GLU B 86 26.33 -25.53 5.26
CA GLU B 86 26.22 -26.68 4.31
C GLU B 86 24.75 -26.94 3.95
N ALA B 87 24.01 -25.97 3.44
CA ALA B 87 22.64 -26.12 2.93
C ALA B 87 22.69 -26.69 1.51
N GLN B 88 22.19 -27.91 1.33
CA GLN B 88 22.17 -28.59 0.01
C GLN B 88 20.93 -28.12 -0.81
N ASN B 89 20.04 -27.28 -0.25
CA ASN B 89 18.76 -26.89 -0.91
C ASN B 89 18.86 -25.47 -1.52
N VAL B 90 20.03 -25.07 -2.03
CA VAL B 90 20.27 -23.71 -2.58
C VAL B 90 21.16 -23.80 -3.82
N LYS B 91 20.71 -23.22 -4.93
CA LYS B 91 21.56 -23.02 -6.14
C LYS B 91 21.54 -21.55 -6.52
N LEU B 92 22.57 -21.10 -7.24
CA LEU B 92 22.79 -19.68 -7.58
C LEU B 92 23.00 -19.55 -9.08
N LEU B 93 22.30 -18.62 -9.70
CA LEU B 93 22.37 -18.37 -11.16
C LEU B 93 22.86 -16.94 -11.37
N ASN B 94 23.90 -16.79 -12.20
CA ASN B 94 24.42 -15.47 -12.64
C ASN B 94 23.69 -15.11 -13.92
N ILE B 95 22.42 -14.74 -13.78
CA ILE B 95 21.55 -14.35 -14.93
C ILE B 95 20.76 -13.08 -14.58
N ASP B 96 20.15 -12.53 -15.62
CA ASP B 96 19.31 -11.32 -15.59
C ASP B 96 17.86 -11.81 -15.38
N ALA B 97 16.98 -10.99 -14.78
CA ALA B 97 15.58 -11.34 -14.47
C ALA B 97 14.77 -11.64 -15.76
N ASP B 98 15.19 -11.09 -16.92
CA ASP B 98 14.46 -11.25 -18.21
C ASP B 98 14.63 -12.67 -18.74
N THR B 99 15.73 -13.35 -18.40
CA THR B 99 15.99 -14.75 -18.82
C THR B 99 15.25 -15.74 -17.92
N LEU B 100 14.47 -15.29 -16.93
CA LEU B 100 13.77 -16.22 -16.00
C LEU B 100 12.93 -17.22 -16.78
N THR B 101 12.19 -16.74 -17.79
CA THR B 101 11.31 -17.56 -18.67
C THR B 101 12.13 -18.55 -19.51
N ASP B 102 13.40 -18.26 -19.76
CA ASP B 102 14.31 -19.21 -20.48
C ASP B 102 14.70 -20.37 -19.56
N VAL B 103 14.58 -20.19 -18.24
CA VAL B 103 15.13 -21.11 -17.20
C VAL B 103 14.01 -21.89 -16.50
N PHE B 104 12.79 -21.39 -16.48
CA PHE B 104 11.68 -22.01 -15.72
C PHE B 104 10.43 -22.13 -16.60
N GLU B 105 9.74 -23.27 -16.49
CA GLU B 105 8.41 -23.51 -17.09
C GLU B 105 7.36 -22.97 -16.11
N PRO B 106 6.20 -22.54 -16.62
CA PRO B 106 5.11 -22.09 -15.76
C PRO B 106 4.77 -23.09 -14.65
N GLY B 107 4.77 -22.65 -13.39
CA GLY B 107 4.38 -23.43 -12.21
C GLY B 107 5.56 -24.12 -11.55
N GLU B 108 6.74 -24.10 -12.20
CA GLU B 108 7.99 -24.66 -11.64
C GLU B 108 8.43 -23.85 -10.41
N VAL B 109 8.23 -22.53 -10.41
CA VAL B 109 8.54 -21.65 -9.25
C VAL B 109 7.25 -21.45 -8.46
N LYS B 110 7.34 -21.41 -7.13
CA LYS B 110 6.17 -21.40 -6.22
C LYS B 110 6.07 -20.07 -5.48
N ARG B 111 7.19 -19.31 -5.48
CA ARG B 111 7.27 -18.02 -4.74
C ARG B 111 8.52 -17.25 -5.20
N VAL B 112 8.44 -15.93 -5.30
CA VAL B 112 9.54 -15.02 -5.73
C VAL B 112 9.82 -14.06 -4.57
N TYR B 113 11.06 -13.98 -4.14
CA TYR B 113 11.49 -13.06 -3.08
C TYR B 113 12.20 -11.88 -3.74
N LEU B 114 11.91 -10.66 -3.28
CA LEU B 114 12.58 -9.40 -3.73
C LEU B 114 13.04 -8.69 -2.47
N ASN B 115 14.34 -8.46 -2.34
CA ASN B 115 14.96 -7.95 -1.10
C ASN B 115 15.84 -6.75 -1.44
N PHE B 116 15.38 -5.55 -1.05
CA PHE B 116 16.12 -4.28 -1.14
C PHE B 116 16.63 -4.06 -2.57
N SER B 117 15.75 -4.24 -3.55
CA SER B 117 16.01 -4.09 -5.00
C SER B 117 16.46 -2.67 -5.32
N ASP B 118 17.19 -2.51 -6.44
CA ASP B 118 17.66 -1.19 -6.96
C ASP B 118 16.45 -0.27 -7.15
N PRO B 119 16.40 0.88 -6.45
CA PRO B 119 15.23 1.76 -6.51
C PRO B 119 14.97 2.52 -7.82
N TRP B 120 16.02 2.84 -8.58
CA TRP B 120 15.94 3.67 -9.83
C TRP B 120 14.88 4.74 -9.70
N PRO B 121 15.06 5.72 -8.77
CA PRO B 121 13.99 6.64 -8.38
C PRO B 121 13.48 7.60 -9.47
N LYS B 122 14.29 7.91 -10.50
CA LYS B 122 13.90 8.85 -11.59
C LYS B 122 12.85 8.18 -12.48
N LYS B 123 11.83 8.92 -12.93
CA LYS B 123 10.72 8.41 -13.80
C LYS B 123 11.27 7.59 -14.98
N ARG B 124 12.34 8.06 -15.62
CA ARG B 124 12.78 7.56 -16.95
C ARG B 124 13.35 6.16 -16.80
N HIS B 125 13.66 5.76 -15.57
CA HIS B 125 14.29 4.46 -15.25
C HIS B 125 13.30 3.51 -14.58
N GLU B 126 12.00 3.83 -14.62
CA GLU B 126 10.93 2.99 -14.03
C GLU B 126 11.10 1.52 -14.48
N LYS B 127 11.46 1.27 -15.74
CA LYS B 127 11.43 -0.12 -16.30
C LYS B 127 12.62 -0.95 -15.77
N ARG B 128 13.58 -0.34 -15.07
CA ARG B 128 14.72 -1.09 -14.46
C ARG B 128 14.29 -1.66 -13.10
N ARG B 129 13.18 -1.16 -12.52
CA ARG B 129 12.71 -1.56 -11.17
C ARG B 129 12.13 -2.97 -11.29
N LEU B 130 12.56 -3.85 -10.40
CA LEU B 130 12.18 -5.29 -10.41
C LEU B 130 10.72 -5.49 -9.99
N THR B 131 9.98 -4.43 -9.61
CA THR B 131 8.52 -4.46 -9.31
C THR B 131 7.71 -3.84 -10.45
N TYR B 132 8.37 -3.44 -11.54
CA TYR B 132 7.70 -2.87 -12.74
C TYR B 132 6.93 -4.00 -13.41
N SER B 133 5.84 -3.66 -14.10
CA SER B 133 4.82 -4.61 -14.64
C SER B 133 5.49 -5.68 -15.49
N HIS B 134 6.47 -5.33 -16.30
CA HIS B 134 7.21 -6.29 -17.15
C HIS B 134 7.75 -7.43 -16.28
N PHE B 135 8.43 -7.11 -15.18
CA PHE B 135 9.05 -8.12 -14.29
C PHE B 135 7.94 -8.90 -13.56
N LEU B 136 6.86 -8.22 -13.18
CA LEU B 136 5.61 -8.86 -12.66
C LEU B 136 5.09 -9.90 -13.65
N LYS B 137 5.07 -9.60 -14.95
CA LYS B 137 4.60 -10.57 -15.97
C LYS B 137 5.56 -11.76 -15.98
N LYS B 138 6.87 -11.49 -15.92
CA LYS B 138 7.90 -12.56 -15.89
C LYS B 138 7.65 -13.50 -14.71
N TYR B 139 7.39 -12.97 -13.51
CA TYR B 139 7.13 -13.78 -12.30
C TYR B 139 5.85 -14.62 -12.49
N GLU B 140 4.82 -14.06 -13.13
CA GLU B 140 3.55 -14.77 -13.47
C GLU B 140 3.89 -15.94 -14.39
N GLU B 141 4.66 -15.70 -15.45
CA GLU B 141 5.01 -16.73 -16.45
C GLU B 141 5.63 -17.93 -15.72
N VAL B 142 6.46 -17.74 -14.70
CA VAL B 142 7.23 -18.86 -14.05
C VAL B 142 6.46 -19.46 -12.87
N MET B 143 5.48 -18.76 -12.31
CA MET B 143 4.66 -19.24 -11.17
C MET B 143 3.27 -19.68 -11.65
N GLY B 144 2.88 -19.37 -12.89
CA GLY B 144 1.46 -19.37 -13.30
C GLY B 144 0.70 -18.32 -12.50
N LYS B 145 -0.41 -18.70 -11.87
CA LYS B 145 -1.19 -17.80 -10.97
C LYS B 145 -1.37 -18.40 -9.58
N GLY B 146 -0.55 -19.38 -9.20
CA GLY B 146 -0.56 -19.98 -7.85
C GLY B 146 0.69 -19.56 -7.08
N GLY B 147 1.22 -18.38 -7.45
CA GLY B 147 2.46 -17.83 -6.89
C GLY B 147 2.20 -16.76 -5.84
N SER B 148 3.26 -16.27 -5.22
CA SER B 148 3.27 -15.05 -4.40
C SER B 148 4.62 -14.36 -4.59
N ILE B 149 4.65 -13.05 -4.34
CA ILE B 149 5.90 -12.24 -4.26
C ILE B 149 6.03 -11.81 -2.81
N HIS B 150 7.20 -12.05 -2.23
CA HIS B 150 7.56 -11.58 -0.86
C HIS B 150 8.62 -10.51 -1.03
N PHE B 151 8.30 -9.27 -0.64
CA PHE B 151 9.14 -8.08 -0.93
C PHE B 151 9.46 -7.34 0.36
N LYS B 152 10.74 -7.09 0.63
CA LYS B 152 11.10 -6.11 1.69
C LYS B 152 12.17 -5.15 1.17
N THR B 153 12.09 -3.91 1.65
CA THR B 153 13.01 -2.80 1.32
C THR B 153 12.87 -1.74 2.42
N ASP B 154 13.87 -0.89 2.54
CA ASP B 154 13.85 0.27 3.47
C ASP B 154 13.66 1.54 2.64
N ASN B 155 13.62 1.41 1.31
CA ASN B 155 13.45 2.56 0.40
C ASN B 155 11.97 2.90 0.31
N ARG B 156 11.57 4.03 0.93
CA ARG B 156 10.18 4.55 0.93
C ARG B 156 9.67 4.72 -0.51
N GLY B 157 10.42 5.40 -1.37
CA GLY B 157 10.04 5.73 -2.75
C GLY B 157 9.71 4.48 -3.55
N LEU B 158 10.55 3.45 -3.41
CA LEU B 158 10.42 2.16 -4.12
C LEU B 158 9.20 1.40 -3.60
N PHE B 159 8.99 1.35 -2.29
CA PHE B 159 7.84 0.61 -1.71
C PHE B 159 6.51 1.22 -2.19
N GLU B 160 6.42 2.54 -2.06
CA GLU B 160 5.23 3.30 -2.50
C GLU B 160 5.04 3.05 -3.99
N TYR B 161 6.08 3.09 -4.82
CA TYR B 161 5.96 2.77 -6.27
C TYR B 161 5.46 1.35 -6.45
N SER B 162 6.04 0.42 -5.70
CA SER B 162 5.76 -1.03 -5.81
C SER B 162 4.29 -1.29 -5.46
N LEU B 163 3.80 -0.67 -4.38
CA LEU B 163 2.38 -0.84 -3.97
C LEU B 163 1.45 -0.47 -5.13
N LYS B 164 1.73 0.65 -5.80
CA LYS B 164 0.96 1.17 -6.96
C LYS B 164 1.06 0.17 -8.13
N SER B 165 2.28 -0.29 -8.41
CA SER B 165 2.60 -1.27 -9.47
C SER B 165 1.78 -2.55 -9.26
N PHE B 166 1.91 -3.14 -8.06
CA PHE B 166 1.14 -4.35 -7.70
C PHE B 166 -0.36 -4.12 -7.95
N SER B 167 -0.88 -3.00 -7.43
CA SER B 167 -2.32 -2.64 -7.53
C SER B 167 -2.70 -2.52 -9.02
N GLU B 168 -1.87 -1.82 -9.79
CA GLU B 168 -2.11 -1.52 -11.21
C GLU B 168 -2.22 -2.84 -11.98
N TYR B 169 -1.33 -3.81 -11.70
CA TYR B 169 -1.30 -5.15 -12.35
C TYR B 169 -2.45 -6.06 -11.88
N GLY B 170 -3.13 -5.74 -10.76
CA GLY B 170 -4.30 -6.48 -10.28
C GLY B 170 -3.97 -7.52 -9.22
N LEU B 171 -2.74 -7.53 -8.72
CA LEU B 171 -2.32 -8.45 -7.63
C LEU B 171 -3.07 -8.12 -6.34
N LEU B 172 -3.17 -9.11 -5.46
CA LEU B 172 -3.88 -9.01 -4.18
C LEU B 172 -2.86 -8.90 -3.04
N LEU B 173 -2.97 -7.84 -2.24
CA LEU B 173 -2.08 -7.56 -1.09
C LEU B 173 -2.64 -8.28 0.13
N THR B 174 -1.96 -9.32 0.60
CA THR B 174 -2.44 -10.24 1.68
C THR B 174 -1.64 -10.00 2.97
N TYR B 175 -0.43 -9.44 2.85
CA TYR B 175 0.39 -8.99 4.01
C TYR B 175 1.03 -7.65 3.64
N VAL B 176 1.04 -6.70 4.57
CA VAL B 176 1.89 -5.47 4.51
C VAL B 176 2.28 -5.01 5.91
N SER B 177 3.58 -4.84 6.16
CA SER B 177 4.13 -4.16 7.35
C SER B 177 4.84 -2.84 6.95
N LEU B 178 4.53 -1.74 7.64
CA LEU B 178 5.22 -0.44 7.40
C LEU B 178 6.28 -0.23 8.48
N ASP B 179 6.44 -1.18 9.41
CA ASP B 179 7.59 -1.23 10.35
C ASP B 179 7.82 -2.68 10.75
N LEU B 180 8.59 -3.41 9.94
CA LEU B 180 8.72 -4.89 10.02
C LEU B 180 9.34 -5.31 11.36
N HIS B 181 10.38 -4.61 11.82
CA HIS B 181 11.19 -4.97 13.02
C HIS B 181 10.32 -4.83 14.29
N ASN B 182 9.32 -3.95 14.28
CA ASN B 182 8.35 -3.76 15.39
C ASN B 182 7.05 -4.54 15.09
N SER B 183 7.06 -5.48 14.15
CA SER B 183 5.92 -6.40 13.85
C SER B 183 6.31 -7.81 14.32
N ASN B 184 5.37 -8.66 14.71
CA ASN B 184 5.70 -10.06 15.11
C ASN B 184 6.15 -10.91 13.90
N LEU B 185 7.46 -11.00 13.65
CA LEU B 185 7.93 -11.89 12.59
C LEU B 185 8.31 -13.22 13.19
N GLU B 186 7.71 -14.27 12.68
CA GLU B 186 8.16 -15.65 12.95
C GLU B 186 9.23 -16.01 11.92
N GLY B 187 10.49 -15.86 12.35
CA GLY B 187 11.68 -16.36 11.64
C GLY B 187 11.93 -15.57 10.38
N ASN B 188 11.79 -14.25 10.42
CA ASN B 188 12.26 -13.40 9.30
C ASN B 188 13.78 -13.39 9.32
N ILE B 189 14.38 -13.94 8.27
CA ILE B 189 15.85 -13.90 8.04
C ILE B 189 16.15 -12.49 7.52
N MET B 190 17.02 -11.75 8.20
CA MET B 190 17.52 -10.43 7.75
C MET B 190 18.48 -10.62 6.57
N THR B 191 18.39 -9.73 5.58
CA THR B 191 19.33 -9.63 4.44
C THR B 191 20.58 -8.86 4.91
N GLU B 192 21.65 -8.78 4.11
CA GLU B 192 22.82 -7.90 4.45
C GLU B 192 22.29 -6.48 4.70
N TYR B 193 21.60 -5.91 3.71
CA TYR B 193 21.09 -4.52 3.77
C TYR B 193 20.21 -4.33 5.02
N GLU B 194 19.34 -5.31 5.25
CA GLU B 194 18.38 -5.18 6.37
C GLU B 194 19.15 -4.90 7.66
N GLU B 195 20.26 -5.60 7.92
CA GLU B 195 21.01 -5.48 9.22
C GLU B 195 21.57 -4.07 9.40
N LYS B 196 22.05 -3.45 8.33
CA LYS B 196 22.59 -2.05 8.38
C LYS B 196 21.45 -1.10 8.78
N PHE B 197 20.36 -1.08 8.00
CA PHE B 197 19.23 -0.12 8.11
C PHE B 197 18.48 -0.33 9.44
N SER B 198 18.47 -1.55 10.01
CA SER B 198 17.77 -1.89 11.28
C SER B 198 18.28 -1.00 12.39
N ALA B 199 19.61 -0.88 12.43
CA ALA B 199 20.32 -0.07 13.45
C ALA B 199 19.82 1.38 13.35
N LEU B 200 19.66 1.89 12.11
CA LEU B 200 19.26 3.30 11.81
C LEU B 200 17.91 3.62 12.47
N GLY B 201 16.99 2.69 12.63
CA GLY B 201 15.63 3.04 13.10
C GLY B 201 14.71 3.41 11.95
N GLN B 202 15.26 3.56 10.74
CA GLN B 202 14.51 3.63 9.47
C GLN B 202 13.65 2.39 9.38
N PRO B 203 12.35 2.53 9.05
CA PRO B 203 11.48 1.36 8.96
C PRO B 203 11.80 0.48 7.74
N ILE B 204 11.71 -0.84 7.94
CA ILE B 204 11.76 -1.84 6.85
C ILE B 204 10.32 -2.16 6.43
N TYR B 205 10.05 -1.99 5.14
CA TYR B 205 8.73 -2.22 4.49
C TYR B 205 8.69 -3.67 4.01
N ARG B 206 7.51 -4.31 4.13
CA ARG B 206 7.31 -5.73 3.71
C ARG B 206 5.92 -5.86 3.10
N ALA B 207 5.81 -6.53 1.95
CA ALA B 207 4.51 -6.86 1.32
C ALA B 207 4.51 -8.31 0.85
N GLU B 208 3.35 -8.95 0.96
CA GLU B 208 3.04 -10.21 0.23
C GLU B 208 1.88 -9.92 -0.72
N VAL B 209 2.08 -10.19 -1.99
CA VAL B 209 1.01 -10.08 -3.03
C VAL B 209 0.88 -11.43 -3.73
N GLU B 210 -0.33 -11.74 -4.17
CA GLU B 210 -0.62 -12.98 -4.93
C GLU B 210 -1.63 -12.68 -6.03
N TRP B 211 -1.66 -13.55 -7.04
CA TRP B 211 -2.52 -13.40 -8.25
C TRP B 211 -3.96 -13.71 -7.85
N ARG B 212 -4.93 -12.94 -8.34
CA ARG B 212 -6.36 -13.09 -7.95
C ARG B 212 -7.12 -14.24 -8.63
N THR B 213 -7.52 -15.26 -7.87
CA THR B 213 -8.41 -16.37 -8.29
C THR B 213 -9.84 -15.82 -8.37
N SAM C . -11.02 14.14 11.33
CA SAM C . -10.31 14.34 12.62
C SAM C . -8.86 14.71 12.33
O SAM C . -8.35 15.63 12.93
OXT SAM C . -8.22 14.06 11.49
CB SAM C . -10.33 13.06 13.47
CG SAM C . -11.22 13.12 14.68
SD SAM C . -11.65 11.47 15.29
CE SAM C . -10.11 10.59 15.23
C5' SAM C . -12.57 10.84 13.87
C4' SAM C . -14.00 11.36 13.92
O4' SAM C . -14.82 10.58 13.02
C3' SAM C . -14.68 11.27 15.30
O3' SAM C . -15.18 12.55 15.67
C2' SAM C . -15.79 10.23 15.09
O2' SAM C . -16.92 10.43 15.91
C1' SAM C . -16.08 10.45 13.61
N9 SAM C . -16.81 9.36 12.97
C8 SAM C . -16.66 8.02 13.19
N7 SAM C . -17.47 7.26 12.49
C5 SAM C . -18.22 8.17 11.75
C6 SAM C . -19.24 7.99 10.82
N6 SAM C . -19.72 6.79 10.47
N1 SAM C . -19.79 9.09 10.25
C2 SAM C . -19.32 10.29 10.63
N3 SAM C . -18.36 10.58 11.50
C4 SAM C . -17.83 9.47 12.04
N SAM D . 19.10 -8.64 -1.58
CA SAM D . 20.41 -8.17 -1.05
C SAM D . 20.19 -7.51 0.31
O SAM D . 19.06 -7.06 0.57
OXT SAM D . 21.11 -7.42 1.13
CB SAM D . 21.08 -7.20 -2.02
CG SAM D . 20.35 -5.88 -2.27
SD SAM D . 21.22 -4.96 -3.60
CE SAM D . 20.82 -3.26 -3.28
C5' SAM D . 20.11 -5.38 -4.98
C4' SAM D . 20.68 -6.46 -5.87
O4' SAM D . 19.80 -6.70 -6.99
C3' SAM D . 22.04 -6.14 -6.48
O3' SAM D . 22.97 -7.14 -6.08
C2' SAM D . 21.81 -6.15 -7.99
O2' SAM D . 22.92 -6.58 -8.75
C1' SAM D . 20.61 -7.10 -8.06
N9 SAM D . 19.84 -6.99 -9.29
C8 SAM D . 19.21 -5.88 -9.77
N7 SAM D . 18.58 -6.09 -10.91
C5 SAM D . 18.83 -7.42 -11.20
C6 SAM D . 18.45 -8.25 -12.28
N6 SAM D . 17.72 -7.83 -13.30
N1 SAM D . 18.87 -9.54 -12.26
C2 SAM D . 19.61 -9.96 -11.22
N3 SAM D . 20.03 -9.27 -10.16
C4 SAM D . 19.61 -8.00 -10.20
#